data_5CM2
#
_entry.id   5CM2
#
_cell.length_a   176.200
_cell.length_b   176.200
_cell.length_c   176.200
_cell.angle_alpha   90.00
_cell.angle_beta   90.00
_cell.angle_gamma   90.00
#
_symmetry.space_group_name_H-M   'I 4 3 2'
#
loop_
_entity.id
_entity.type
_entity.pdbx_description
1 polymer 'TRNA METHYLTRANSFERASE'
2 polymer 'TRNA METHYLTRANSFERASE ACTIVATOR SUBUNIT'
3 non-polymer 'ZINC ION'
4 water water
#
loop_
_entity_poly.entity_id
_entity_poly.type
_entity_poly.pdbx_seq_one_letter_code
_entity_poly.pdbx_strand_id
1 'polypeptide(L)'
;MANTRYKPWPIVEKFLRDQKDHSVGVDIGCGNGKYMGVNNKVFIVGSDRSDELVKLAHDMDPSREVVVCDAIDNAHPEGR
FDFAISIAVIHHFSTPERRREAVRAILNTLRPDGRALIYVWALEQKTSRRGWHEGMDQDVMVPWVKKVDGVEEVRYRYYH
LYREGEITSDVEASGGKVLETGYEKDNWWVVAKRGDDWSHHHHHH
;
Z
2 'polypeptide(L)'
;MKFLTSNFVQCASKQCVSSGNAFPLTFSALEMVQQEAEFDPEFLVSMLERIDWAALVKVANDLGNESLPDVKPEIDEPFA
EGNQGLLQELHSLLIETCIVEGTMKCENCGHTYFIKNSIPNFLLPPHLAA
;
M
#
loop_
_chem_comp.id
_chem_comp.type
_chem_comp.name
_chem_comp.formula
ZN non-polymer 'ZINC ION' 'Zn 2'
#
# COMPACT_ATOMS: atom_id res chain seq x y z
N THR A 4 19.13 5.80 21.13
CA THR A 4 19.67 6.81 20.22
C THR A 4 20.45 6.20 19.05
N ARG A 5 20.01 6.52 17.83
CA ARG A 5 20.78 6.19 16.63
C ARG A 5 21.76 7.31 16.32
N TYR A 6 22.97 6.95 15.90
CA TYR A 6 24.04 7.91 15.70
C TYR A 6 24.20 8.29 14.24
N LYS A 7 24.26 7.28 13.38
CA LYS A 7 24.24 7.48 11.92
C LYS A 7 23.02 8.31 11.53
N PRO A 8 23.20 9.22 10.57
CA PRO A 8 22.02 9.88 9.98
C PRO A 8 21.11 8.84 9.34
N TRP A 9 19.81 9.10 9.38
CA TRP A 9 18.87 8.17 8.75
C TRP A 9 18.97 8.24 7.23
N PRO A 10 18.93 7.08 6.56
CA PRO A 10 18.78 7.07 5.10
C PRO A 10 17.43 7.67 4.72
N ILE A 11 17.26 8.06 3.46
CA ILE A 11 16.13 8.88 3.04
C ILE A 11 14.77 8.19 3.23
N VAL A 12 14.71 6.89 2.98
CA VAL A 12 13.44 6.19 3.12
C VAL A 12 13.04 6.18 4.60
N GLU A 13 13.98 5.85 5.49
CA GLU A 13 13.68 5.80 6.92
C GLU A 13 13.26 7.18 7.39
N LYS A 14 14.03 8.19 6.98
CA LYS A 14 13.77 9.58 7.30
C LYS A 14 12.37 10.00 6.89
N PHE A 15 12.00 9.65 5.66
CA PHE A 15 10.71 10.03 5.10
C PHE A 15 9.59 9.34 5.86
N LEU A 16 9.80 8.06 6.16
CA LEU A 16 8.76 7.31 6.87
C LEU A 16 8.56 7.82 8.31
N ARG A 17 9.65 8.21 8.98
CA ARG A 17 9.57 8.66 10.37
C ARG A 17 8.95 10.06 10.48
N ASP A 18 8.96 10.79 9.36
CA ASP A 18 8.45 12.17 9.28
C ASP A 18 6.95 12.19 9.04
N GLN A 19 6.35 11.03 8.86
CA GLN A 19 4.92 10.97 8.61
C GLN A 19 4.14 11.24 9.89
N LYS A 20 3.03 11.96 9.80
CA LYS A 20 2.24 12.23 11.00
C LYS A 20 1.73 10.94 11.62
N ASP A 21 1.62 10.95 12.94
CA ASP A 21 1.11 9.80 13.67
C ASP A 21 -0.24 9.40 13.13
N HIS A 22 -0.42 8.08 12.97
CA HIS A 22 -1.67 7.47 12.51
C HIS A 22 -1.99 7.77 11.04
N SER A 23 -1.00 8.25 10.28
CA SER A 23 -1.15 8.40 8.83
C SER A 23 -1.36 7.02 8.25
N VAL A 24 -2.00 6.99 7.08
CA VAL A 24 -2.21 5.78 6.30
C VAL A 24 -1.40 5.84 5.05
N GLY A 25 -0.65 4.79 4.78
CA GLY A 25 0.29 4.80 3.68
C GLY A 25 0.22 3.57 2.81
N VAL A 26 0.83 3.67 1.63
CA VAL A 26 0.90 2.51 0.76
C VAL A 26 2.35 2.28 0.32
N ASP A 27 2.78 1.03 0.33
CA ASP A 27 4.13 0.67 -0.13
C ASP A 27 4.02 -0.13 -1.41
N ILE A 28 4.13 0.56 -2.54
CA ILE A 28 3.86 -0.04 -3.85
C ILE A 28 5.08 -0.78 -4.41
N GLY A 29 5.12 -2.09 -4.21
CA GLY A 29 6.35 -2.83 -4.45
C GLY A 29 7.12 -2.92 -3.14
N CYS A 30 6.50 -3.56 -2.15
CA CYS A 30 7.08 -3.59 -0.82
C CYS A 30 8.24 -4.55 -0.70
N GLY A 31 8.35 -5.48 -1.65
CA GLY A 31 9.36 -6.53 -1.59
C GLY A 31 9.19 -7.45 -0.39
N ASN A 32 10.24 -7.60 0.41
CA ASN A 32 10.19 -8.44 1.60
C ASN A 32 9.65 -7.71 2.84
N GLY A 33 9.03 -6.54 2.65
CA GLY A 33 8.45 -5.78 3.74
C GLY A 33 9.47 -4.96 4.52
N LYS A 34 10.67 -4.87 3.95
CA LYS A 34 11.82 -4.26 4.63
C LYS A 34 11.48 -2.96 5.38
N TYR A 35 10.63 -2.12 4.79
CA TYR A 35 10.34 -0.80 5.38
C TYR A 35 9.02 -0.69 6.13
N MET A 36 8.18 -1.72 6.08
CA MET A 36 6.87 -1.61 6.68
C MET A 36 6.89 -1.46 8.19
N GLY A 37 8.05 -1.69 8.80
CA GLY A 37 8.16 -1.62 10.24
C GLY A 37 8.94 -0.43 10.75
N VAL A 38 9.39 0.44 9.84
CA VAL A 38 10.23 1.55 10.23
C VAL A 38 9.51 2.54 11.17
N ASN A 39 8.22 2.76 10.91
CA ASN A 39 7.41 3.65 11.73
C ASN A 39 6.17 2.89 12.16
N ASN A 40 6.10 2.64 13.46
CA ASN A 40 5.03 1.84 14.07
C ASN A 40 3.79 2.64 14.42
N LYS A 41 3.87 3.97 14.29
CA LYS A 41 2.73 4.86 14.53
C LYS A 41 1.85 5.00 13.29
N VAL A 42 2.20 4.25 12.25
CA VAL A 42 1.69 4.52 10.92
C VAL A 42 1.08 3.21 10.41
N PHE A 43 0.00 3.31 9.64
CA PHE A 43 -0.61 2.12 9.03
C PHE A 43 -0.28 1.97 7.53
N ILE A 44 0.40 0.90 7.16
CA ILE A 44 0.83 0.75 5.76
C ILE A 44 0.27 -0.51 5.11
N VAL A 45 -0.31 -0.32 3.94
CA VAL A 45 -0.67 -1.43 3.11
C VAL A 45 0.44 -1.66 2.09
N GLY A 46 1.09 -2.82 2.16
CA GLY A 46 2.14 -3.14 1.23
C GLY A 46 1.65 -4.02 0.10
N SER A 47 2.18 -3.77 -1.10
CA SER A 47 1.88 -4.61 -2.24
C SER A 47 3.16 -4.98 -2.98
N ASP A 48 3.14 -6.12 -3.64
CA ASP A 48 4.21 -6.48 -4.57
C ASP A 48 3.63 -7.34 -5.68
N ARG A 49 4.25 -7.29 -6.86
CA ARG A 49 3.84 -8.17 -7.96
C ARG A 49 4.28 -9.62 -7.64
N SER A 50 5.35 -9.76 -6.88
CA SER A 50 5.92 -11.06 -6.57
C SER A 50 5.23 -11.80 -5.44
N ASP A 51 4.69 -12.96 -5.78
CA ASP A 51 3.93 -13.75 -4.84
C ASP A 51 4.83 -14.28 -3.72
N GLU A 52 6.08 -14.55 -4.04
CA GLU A 52 6.99 -15.12 -3.06
C GLU A 52 7.55 -14.05 -2.13
N LEU A 53 7.76 -12.87 -2.68
CA LEU A 53 8.30 -11.79 -1.87
C LEU A 53 7.27 -11.38 -0.83
N VAL A 54 6.01 -11.31 -1.23
CA VAL A 54 4.93 -10.96 -0.30
C VAL A 54 4.81 -11.98 0.83
N LYS A 55 4.87 -13.27 0.46
CA LYS A 55 4.82 -14.36 1.43
C LYS A 55 5.94 -14.24 2.44
N LEU A 56 7.14 -13.97 1.94
CA LEU A 56 8.30 -13.78 2.79
C LEU A 56 8.06 -12.58 3.71
N ALA A 57 7.39 -11.56 3.17
CA ALA A 57 7.10 -10.36 3.93
C ALA A 57 6.18 -10.70 5.08
N HIS A 58 5.12 -11.45 4.77
CA HIS A 58 4.17 -11.92 5.77
C HIS A 58 4.79 -12.84 6.82
N ASP A 59 5.58 -13.82 6.38
CA ASP A 59 6.20 -14.73 7.34
C ASP A 59 7.10 -13.96 8.28
N MET A 60 7.82 -12.97 7.78
CA MET A 60 8.78 -12.23 8.60
C MET A 60 8.11 -11.36 9.66
N ASP A 61 6.86 -10.97 9.42
CA ASP A 61 6.10 -10.23 10.42
C ASP A 61 4.64 -10.24 10.01
N PRO A 62 3.83 -11.09 10.67
CA PRO A 62 2.43 -11.27 10.29
C PRO A 62 1.52 -10.12 10.72
N SER A 63 2.07 -9.17 11.47
CA SER A 63 1.33 -7.93 11.72
C SER A 63 1.27 -7.11 10.44
N ARG A 64 2.22 -7.36 9.54
CA ARG A 64 2.30 -6.62 8.30
C ARG A 64 1.07 -6.83 7.46
N GLU A 65 0.63 -5.77 6.85
CA GLU A 65 -0.49 -5.89 5.95
C GLU A 65 -0.02 -5.88 4.50
N VAL A 66 0.16 -7.06 3.89
CA VAL A 66 0.69 -7.16 2.53
C VAL A 66 -0.20 -7.87 1.51
N VAL A 67 -0.31 -7.32 0.31
CA VAL A 67 -1.09 -7.92 -0.75
C VAL A 67 -0.29 -8.12 -2.03
N VAL A 68 -0.83 -8.94 -2.92
CA VAL A 68 -0.21 -9.22 -4.21
C VAL A 68 -0.95 -8.49 -5.32
N CYS A 69 -0.26 -7.63 -6.07
CA CYS A 69 -0.87 -6.96 -7.22
C CYS A 69 0.19 -6.28 -8.08
N ASP A 70 -0.14 -6.03 -9.34
CA ASP A 70 0.75 -5.29 -10.25
C ASP A 70 0.94 -3.89 -9.67
N ALA A 71 2.05 -3.25 -10.01
CA ALA A 71 2.39 -1.96 -9.40
C ALA A 71 1.67 -0.83 -10.10
N ILE A 72 1.25 -1.08 -11.33
CA ILE A 72 0.57 -0.07 -12.11
C ILE A 72 -0.94 -0.31 -12.08
N ASP A 73 -1.35 -1.50 -12.52
CA ASP A 73 -2.74 -1.89 -12.46
C ASP A 73 -3.03 -2.45 -11.06
N ASN A 74 -2.80 -1.64 -10.03
CA ASN A 74 -2.83 -2.10 -8.64
C ASN A 74 -4.22 -2.13 -7.97
N ALA A 75 -4.24 -2.58 -6.71
CA ALA A 75 -5.47 -2.72 -5.97
C ALA A 75 -5.74 -1.54 -5.02
N HIS A 76 -4.98 -0.46 -5.15
CA HIS A 76 -5.06 0.66 -4.21
C HIS A 76 -6.06 1.75 -4.66
N PRO A 77 -7.07 2.02 -3.81
CA PRO A 77 -8.07 3.07 -4.03
C PRO A 77 -7.45 4.45 -4.19
N GLU A 78 -7.95 5.23 -5.14
CA GLU A 78 -7.37 6.55 -5.47
C GLU A 78 -7.56 7.56 -4.32
N GLY A 79 -6.60 8.43 -4.13
CA GLY A 79 -6.75 9.54 -3.20
C GLY A 79 -7.10 9.17 -1.76
N ARG A 80 -6.74 7.95 -1.34
CA ARG A 80 -7.06 7.51 0.01
C ARG A 80 -5.88 7.64 1.01
N PHE A 81 -4.68 7.93 0.52
CA PHE A 81 -3.48 7.75 1.34
C PHE A 81 -2.69 9.01 1.63
N ASP A 82 -2.15 9.06 2.85
CA ASP A 82 -1.35 10.21 3.27
C ASP A 82 0.05 10.19 2.65
N PHE A 83 0.54 8.99 2.35
CA PHE A 83 1.85 8.86 1.73
C PHE A 83 1.99 7.57 0.94
N ALA A 84 2.99 7.56 0.08
CA ALA A 84 3.26 6.40 -0.74
C ALA A 84 4.75 6.31 -0.87
N ILE A 85 5.28 5.10 -0.82
CA ILE A 85 6.68 4.90 -1.20
C ILE A 85 6.78 3.90 -2.33
N SER A 86 7.70 4.19 -3.23
CA SER A 86 8.04 3.36 -4.36
C SER A 86 9.54 3.26 -4.41
N ILE A 87 10.08 2.21 -3.80
CA ILE A 87 11.53 2.13 -3.64
C ILE A 87 12.10 1.07 -4.55
N ALA A 88 12.83 1.52 -5.56
CA ALA A 88 13.49 0.65 -6.50
C ALA A 88 12.49 -0.23 -7.24
N VAL A 89 11.33 0.28 -7.65
CA VAL A 89 10.49 -0.62 -8.42
C VAL A 89 10.22 -0.09 -9.84
N ILE A 90 10.08 1.21 -10.04
CA ILE A 90 9.69 1.65 -11.38
C ILE A 90 10.84 1.58 -12.39
N HIS A 91 12.10 1.56 -11.95
CA HIS A 91 13.16 1.35 -12.94
C HIS A 91 13.15 -0.04 -13.61
N HIS A 92 12.17 -0.87 -13.28
CA HIS A 92 12.01 -2.17 -13.93
C HIS A 92 11.07 -2.19 -15.10
N PHE A 93 10.51 -1.03 -15.46
CA PHE A 93 9.59 -0.98 -16.57
C PHE A 93 10.36 -0.47 -17.79
N SER A 94 10.13 -1.09 -18.96
CA SER A 94 11.06 -0.92 -20.07
C SER A 94 10.67 0.10 -21.14
N THR A 95 9.44 0.59 -21.11
CA THR A 95 9.11 1.75 -21.96
C THR A 95 9.00 3.03 -21.13
N PRO A 96 9.34 4.19 -21.71
CA PRO A 96 9.16 5.44 -20.95
C PRO A 96 7.68 5.63 -20.62
N GLU A 97 6.83 5.16 -21.52
CA GLU A 97 5.39 5.19 -21.32
C GLU A 97 5.01 4.49 -20.04
N ARG A 98 5.51 3.27 -19.85
CA ARG A 98 5.10 2.50 -18.68
C ARG A 98 5.78 3.00 -17.40
N ARG A 99 6.94 3.65 -17.50
CA ARG A 99 7.58 4.25 -16.34
C ARG A 99 6.79 5.47 -15.86
N ARG A 100 6.30 6.28 -16.79
CA ARG A 100 5.46 7.41 -16.40
C ARG A 100 4.10 6.96 -15.88
N GLU A 101 3.54 5.91 -16.48
CA GLU A 101 2.32 5.28 -15.96
C GLU A 101 2.47 4.89 -14.50
N ALA A 102 3.63 4.32 -14.16
CA ALA A 102 3.92 3.82 -12.82
C ALA A 102 3.97 4.97 -11.85
N VAL A 103 4.58 6.08 -12.28
CA VAL A 103 4.63 7.28 -11.46
C VAL A 103 3.22 7.81 -11.21
N ARG A 104 2.44 7.94 -12.27
CA ARG A 104 1.07 8.40 -12.15
C ARG A 104 0.30 7.51 -11.20
N ALA A 105 0.55 6.20 -11.27
CA ALA A 105 -0.16 5.28 -10.39
C ALA A 105 0.16 5.62 -8.93
N ILE A 106 1.41 5.95 -8.69
CA ILE A 106 1.87 6.33 -7.36
C ILE A 106 1.14 7.57 -6.87
N LEU A 107 1.13 8.60 -7.73
CA LEU A 107 0.40 9.84 -7.48
C LEU A 107 -1.11 9.65 -7.25
N ASN A 108 -1.77 8.88 -8.12
CA ASN A 108 -3.22 8.65 -8.00
C ASN A 108 -3.64 8.19 -6.60
N THR A 109 -2.71 7.54 -5.94
CA THR A 109 -2.91 6.98 -4.62
C THR A 109 -3.15 8.05 -3.51
N LEU A 110 -2.63 9.25 -3.75
CA LEU A 110 -2.47 10.26 -2.70
C LEU A 110 -3.68 11.15 -2.45
N ARG A 111 -3.92 11.45 -1.17
CA ARG A 111 -4.75 12.59 -0.79
C ARG A 111 -4.11 13.84 -1.39
N PRO A 112 -4.88 14.93 -1.54
CA PRO A 112 -4.35 16.19 -2.11
C PRO A 112 -3.08 16.71 -1.42
N ASP A 113 -2.93 16.45 -0.14
CA ASP A 113 -1.72 16.87 0.55
C ASP A 113 -0.76 15.71 0.77
N GLY A 114 -1.11 14.54 0.25
CA GLY A 114 -0.27 13.37 0.33
C GLY A 114 1.09 13.56 -0.32
N ARG A 115 2.08 12.80 0.13
CA ARG A 115 3.43 12.94 -0.45
C ARG A 115 3.94 11.58 -0.85
N ALA A 116 4.75 11.53 -1.91
CA ALA A 116 5.33 10.26 -2.36
C ALA A 116 6.86 10.34 -2.42
N LEU A 117 7.52 9.28 -1.95
CA LEU A 117 8.95 9.10 -2.17
C LEU A 117 9.16 8.09 -3.30
N ILE A 118 9.88 8.48 -4.34
CA ILE A 118 10.21 7.55 -5.41
C ILE A 118 11.74 7.47 -5.49
N TYR A 119 12.25 6.27 -5.69
CA TYR A 119 13.67 5.98 -5.49
C TYR A 119 14.09 5.04 -6.63
N VAL A 120 15.04 5.48 -7.46
CA VAL A 120 15.46 4.70 -8.65
C VAL A 120 16.97 4.65 -8.86
N TRP A 121 17.46 3.61 -9.54
CA TRP A 121 18.89 3.53 -9.89
C TRP A 121 19.36 4.63 -10.82
N ALA A 122 20.50 5.21 -10.49
CA ALA A 122 21.02 6.32 -11.26
C ALA A 122 21.99 5.82 -12.32
N LEU A 123 21.89 6.41 -13.52
CA LEU A 123 22.90 6.24 -14.55
C LEU A 123 24.26 6.69 -14.04
N GLU A 124 24.28 7.77 -13.27
CA GLU A 124 25.53 8.37 -12.83
C GLU A 124 26.25 7.51 -11.78
N GLN A 125 25.87 6.24 -11.73
CA GLN A 125 26.43 5.28 -10.79
C GLN A 125 27.97 5.29 -10.77
N ASP A 137 24.89 4.17 -21.62
CA ASP A 137 23.60 3.56 -21.94
C ASP A 137 22.75 3.32 -20.70
N GLN A 138 21.46 3.54 -20.86
CA GLN A 138 20.57 3.63 -19.71
C GLN A 138 19.77 2.38 -19.50
N ASP A 139 19.68 1.57 -20.55
CA ASP A 139 18.96 0.30 -20.50
C ASP A 139 19.93 -0.89 -20.38
N VAL A 140 19.92 -1.55 -19.24
CA VAL A 140 20.91 -2.59 -18.96
C VAL A 140 20.31 -3.94 -18.55
N MET A 141 21.19 -4.94 -18.51
CA MET A 141 20.89 -6.31 -18.08
C MET A 141 21.61 -6.61 -16.79
N VAL A 142 20.91 -7.17 -15.82
CA VAL A 142 21.54 -7.44 -14.53
C VAL A 142 21.27 -8.86 -14.09
N PRO A 143 22.34 -9.61 -13.73
CA PRO A 143 22.21 -10.96 -13.20
C PRO A 143 21.22 -10.96 -12.07
N TRP A 144 20.34 -11.95 -12.07
CA TRP A 144 19.25 -11.95 -11.14
C TRP A 144 18.91 -13.41 -10.89
N VAL A 145 18.67 -13.75 -9.63
CA VAL A 145 18.43 -15.13 -9.23
C VAL A 145 16.93 -15.42 -9.23
N LYS A 146 16.56 -16.56 -9.83
CA LYS A 146 15.16 -16.93 -9.92
C LYS A 146 14.98 -18.42 -9.68
N LYS A 147 14.26 -18.77 -8.61
CA LYS A 147 13.93 -20.17 -8.35
C LYS A 147 13.02 -20.69 -9.46
N VAL A 148 13.44 -21.75 -10.14
CA VAL A 148 12.53 -22.42 -11.07
C VAL A 148 12.75 -23.93 -10.95
N ASP A 149 11.65 -24.64 -10.70
CA ASP A 149 11.66 -26.05 -10.33
C ASP A 149 12.65 -26.35 -9.20
N GLY A 150 12.64 -25.52 -8.17
CA GLY A 150 13.49 -25.73 -7.01
C GLY A 150 14.95 -25.35 -7.20
N VAL A 151 15.38 -25.12 -8.43
CA VAL A 151 16.75 -24.70 -8.69
C VAL A 151 16.86 -23.19 -8.82
N GLU A 152 17.84 -22.60 -8.15
CA GLU A 152 18.06 -21.18 -8.31
C GLU A 152 18.94 -20.90 -9.56
N GLU A 153 18.27 -20.53 -10.64
CA GLU A 153 18.94 -20.17 -11.88
C GLU A 153 19.39 -18.74 -11.81
N VAL A 154 20.37 -18.40 -12.64
CA VAL A 154 20.76 -17.02 -12.77
C VAL A 154 20.37 -16.52 -14.15
N ARG A 155 19.44 -15.57 -14.18
CA ARG A 155 18.98 -15.00 -15.42
C ARG A 155 19.33 -13.53 -15.47
N TYR A 156 18.86 -12.83 -16.50
CA TYR A 156 19.06 -11.38 -16.60
C TYR A 156 17.72 -10.66 -16.47
N ARG A 157 17.64 -9.64 -15.62
CA ARG A 157 16.41 -8.87 -15.64
C ARG A 157 16.70 -7.44 -16.07
N TYR A 158 15.69 -6.82 -16.66
CA TYR A 158 15.81 -5.47 -17.20
C TYR A 158 15.85 -4.40 -16.09
N TYR A 159 16.71 -3.41 -16.28
CA TYR A 159 16.74 -2.20 -15.46
C TYR A 159 16.90 -0.95 -16.33
N HIS A 160 16.15 0.11 -16.02
CA HIS A 160 16.44 1.40 -16.60
C HIS A 160 17.16 2.28 -15.58
N LEU A 161 18.40 2.67 -15.90
CA LEU A 161 19.13 3.64 -15.11
C LEU A 161 18.68 5.06 -15.43
N TYR A 162 18.42 5.84 -14.39
CA TYR A 162 17.89 7.19 -14.57
C TYR A 162 19.00 8.22 -14.58
N ARG A 163 18.89 9.20 -15.46
CA ARG A 163 19.86 10.30 -15.42
C ARG A 163 19.26 11.51 -14.69
N GLU A 164 20.10 12.50 -14.40
CA GLU A 164 19.66 13.71 -13.71
C GLU A 164 18.33 14.26 -14.22
N GLY A 165 17.44 14.59 -13.29
CA GLY A 165 16.21 15.27 -13.63
C GLY A 165 15.23 14.46 -14.46
N GLU A 166 15.60 13.23 -14.80
CA GLU A 166 14.70 12.40 -15.58
C GLU A 166 13.48 12.00 -14.74
N ILE A 167 13.70 11.72 -13.46
CA ILE A 167 12.62 11.32 -12.59
C ILE A 167 11.69 12.50 -12.27
N THR A 168 12.24 13.71 -12.12
CA THR A 168 11.37 14.88 -11.92
C THR A 168 10.56 15.12 -13.19
N SER A 169 11.16 14.85 -14.35
CA SER A 169 10.46 15.00 -15.65
C SER A 169 9.27 14.09 -15.72
N ASP A 170 9.48 12.83 -15.34
CA ASP A 170 8.41 11.84 -15.34
C ASP A 170 7.29 12.20 -14.37
N VAL A 171 7.68 12.82 -13.26
CA VAL A 171 6.72 13.26 -12.24
C VAL A 171 5.91 14.45 -12.77
N GLU A 172 6.61 15.48 -13.25
CA GLU A 172 5.95 16.66 -13.81
C GLU A 172 5.06 16.27 -15.00
N ALA A 173 5.54 15.41 -15.88
CA ALA A 173 4.73 14.93 -17.01
C ALA A 173 3.52 14.13 -16.53
N SER A 174 3.50 13.74 -15.26
CA SER A 174 2.38 12.93 -14.78
C SER A 174 1.39 13.81 -14.05
N GLY A 175 1.77 15.06 -13.86
CA GLY A 175 0.90 16.02 -13.23
C GLY A 175 1.22 16.12 -11.76
N GLY A 176 2.44 15.73 -11.42
CA GLY A 176 2.92 15.83 -10.07
C GLY A 176 3.76 17.08 -9.92
N LYS A 177 4.01 17.41 -8.66
CA LYS A 177 4.87 18.52 -8.27
C LYS A 177 6.06 17.94 -7.53
N VAL A 178 7.26 18.39 -7.88
CA VAL A 178 8.45 17.91 -7.18
C VAL A 178 8.79 18.81 -5.99
N LEU A 179 8.88 18.21 -4.81
CA LEU A 179 9.10 18.95 -3.58
C LEU A 179 10.58 18.98 -3.19
N GLU A 180 11.25 17.86 -3.35
CA GLU A 180 12.68 17.78 -3.03
C GLU A 180 13.32 16.64 -3.83
N THR A 181 14.59 16.80 -4.15
CA THR A 181 15.35 15.81 -4.93
C THR A 181 16.68 15.58 -4.28
N GLY A 182 17.22 14.38 -4.40
CA GLY A 182 18.52 14.09 -3.86
C GLY A 182 19.15 12.90 -4.55
N TYR A 183 20.33 12.53 -4.07
CA TYR A 183 21.05 11.38 -4.57
C TYR A 183 21.53 10.58 -3.38
N GLU A 184 21.43 9.26 -3.46
CA GLU A 184 21.86 8.42 -2.37
C GLU A 184 22.33 7.05 -2.86
N LYS A 185 23.58 6.72 -2.56
CA LYS A 185 24.12 5.39 -2.86
C LYS A 185 23.73 4.94 -4.27
N ASP A 186 24.13 5.73 -5.28
CA ASP A 186 23.89 5.40 -6.68
C ASP A 186 22.41 5.39 -7.08
N ASN A 187 21.59 6.11 -6.31
CA ASN A 187 20.17 6.22 -6.64
C ASN A 187 19.74 7.67 -6.69
N TRP A 188 18.79 7.94 -7.58
CA TRP A 188 18.04 9.19 -7.57
C TRP A 188 16.80 9.01 -6.72
N TRP A 189 16.47 10.02 -5.92
CA TRP A 189 15.18 10.03 -5.26
C TRP A 189 14.46 11.37 -5.40
N VAL A 190 13.15 11.31 -5.29
CA VAL A 190 12.33 12.49 -5.36
C VAL A 190 11.19 12.35 -4.35
N VAL A 191 10.92 13.41 -3.59
CA VAL A 191 9.64 13.50 -2.90
C VAL A 191 8.72 14.35 -3.74
N ALA A 192 7.56 13.80 -4.09
CA ALA A 192 6.62 14.48 -4.97
C ALA A 192 5.22 14.40 -4.40
N LYS A 193 4.34 15.27 -4.88
CA LYS A 193 2.93 15.24 -4.53
C LYS A 193 2.12 15.50 -5.78
N ARG A 194 0.80 15.36 -5.69
CA ARG A 194 -0.05 15.78 -6.81
C ARG A 194 0.19 17.24 -7.18
N GLY A 195 -0.04 17.56 -8.46
CA GLY A 195 0.06 18.93 -8.92
C GLY A 195 -1.17 19.68 -8.46
N ASP A 196 -1.01 20.99 -8.27
CA ASP A 196 -2.09 21.82 -7.74
C ASP A 196 -3.34 21.87 -8.63
N ASP A 197 -3.29 21.16 -9.76
CA ASP A 197 -4.44 20.91 -10.63
C ASP A 197 -5.20 19.66 -10.18
N TRP A 198 -5.23 18.66 -11.06
CA TRP A 198 -5.82 17.34 -10.78
C TRP A 198 -7.35 17.37 -10.84
N MET B 1 -4.47 -10.47 6.89
CA MET B 1 -5.57 -9.74 6.28
C MET B 1 -6.53 -9.24 7.36
N LYS B 2 -6.17 -8.11 7.96
CA LYS B 2 -7.01 -7.42 8.93
C LYS B 2 -8.27 -6.89 8.23
N PHE B 3 -9.38 -6.88 8.95
CA PHE B 3 -10.65 -6.40 8.40
C PHE B 3 -10.52 -4.97 7.87
N LEU B 4 -9.80 -4.15 8.63
CA LEU B 4 -9.55 -2.77 8.24
C LEU B 4 -9.09 -2.65 6.78
N THR B 5 -8.11 -3.49 6.42
CA THR B 5 -7.54 -3.51 5.07
C THR B 5 -8.60 -3.60 3.97
N SER B 6 -9.73 -4.26 4.28
CA SER B 6 -10.84 -4.31 3.33
C SER B 6 -11.19 -2.92 2.83
N ASN B 7 -11.02 -1.93 3.69
CA ASN B 7 -11.42 -0.57 3.37
C ASN B 7 -10.39 0.14 2.50
N PHE B 8 -9.26 -0.53 2.24
CA PHE B 8 -8.16 0.09 1.51
C PHE B 8 -7.74 -0.71 0.30
N VAL B 9 -8.70 -1.47 -0.22
CA VAL B 9 -8.42 -2.48 -1.22
C VAL B 9 -9.57 -2.54 -2.22
N GLN B 10 -9.24 -2.61 -3.50
CA GLN B 10 -10.27 -2.66 -4.53
C GLN B 10 -9.85 -3.54 -5.73
N CYS B 11 -10.80 -3.85 -6.60
CA CYS B 11 -10.53 -4.66 -7.78
C CYS B 11 -9.52 -3.98 -8.68
N ALA B 12 -8.63 -4.76 -9.29
CA ALA B 12 -7.53 -4.21 -10.08
C ALA B 12 -7.87 -4.05 -11.57
N SER B 13 -9.07 -4.48 -11.96
CA SER B 13 -9.48 -4.37 -13.36
C SER B 13 -9.59 -2.91 -13.77
N LYS B 14 -8.90 -2.56 -14.84
CA LYS B 14 -8.84 -1.17 -15.29
C LYS B 14 -10.23 -0.59 -15.54
N GLN B 15 -11.18 -1.45 -15.90
CA GLN B 15 -12.53 -0.99 -16.23
C GLN B 15 -13.33 -0.65 -14.98
N CYS B 16 -13.34 -1.55 -14.01
CA CYS B 16 -14.04 -1.30 -12.75
C CYS B 16 -13.48 -0.08 -12.00
N VAL B 17 -12.19 0.16 -12.18
CA VAL B 17 -11.53 1.31 -11.58
C VAL B 17 -11.89 2.56 -12.36
N SER B 18 -11.87 2.45 -13.69
CA SER B 18 -12.24 3.56 -14.55
C SER B 18 -13.69 4.02 -14.35
N SER B 19 -14.56 3.08 -13.96
CA SER B 19 -16.00 3.33 -13.89
C SER B 19 -16.51 3.38 -12.45
N GLY B 20 -15.59 3.58 -11.51
CA GLY B 20 -15.94 3.71 -10.10
C GLY B 20 -16.71 2.53 -9.54
N ASN B 21 -16.35 1.32 -9.98
CA ASN B 21 -17.00 0.12 -9.50
C ASN B 21 -16.05 -0.83 -8.79
N ALA B 22 -14.78 -0.44 -8.73
CA ALA B 22 -13.77 -1.28 -8.11
C ALA B 22 -14.00 -1.42 -6.63
N PHE B 23 -14.45 -0.33 -6.00
CA PHE B 23 -14.50 -0.26 -4.53
C PHE B 23 -15.92 -0.04 -4.02
N PRO B 24 -16.33 -0.81 -3.01
CA PRO B 24 -15.61 -1.92 -2.36
C PRO B 24 -15.89 -3.31 -2.93
N LEU B 25 -14.95 -4.22 -2.74
CA LEU B 25 -15.15 -5.63 -3.05
C LEU B 25 -16.05 -6.26 -2.00
N THR B 26 -16.90 -7.18 -2.42
CA THR B 26 -17.75 -7.88 -1.47
C THR B 26 -17.05 -9.16 -0.98
N PHE B 27 -17.08 -9.37 0.33
CA PHE B 27 -16.21 -10.35 1.01
C PHE B 27 -16.94 -11.56 1.60
N SER B 28 -16.36 -12.75 1.47
CA SER B 28 -16.82 -13.93 2.20
C SER B 28 -15.61 -14.57 2.85
N ALA B 29 -15.78 -15.16 4.03
CA ALA B 29 -14.64 -15.74 4.73
C ALA B 29 -14.83 -17.22 5.06
N LEU B 30 -14.07 -18.08 4.39
CA LEU B 30 -14.11 -19.50 4.73
C LEU B 30 -13.46 -19.74 6.09
N GLU B 31 -12.57 -18.85 6.49
CA GLU B 31 -11.93 -18.98 7.79
C GLU B 31 -11.54 -17.61 8.38
N MET B 32 -11.43 -17.54 9.71
CA MET B 32 -11.04 -16.32 10.43
C MET B 32 -10.28 -16.63 11.71
N VAL B 33 -9.70 -15.60 12.32
CA VAL B 33 -8.85 -15.73 13.50
C VAL B 33 -8.92 -14.40 14.27
N GLN B 34 -8.63 -14.43 15.57
CA GLN B 34 -8.41 -13.21 16.31
C GLN B 34 -6.94 -13.17 16.69
N GLN B 35 -6.23 -12.09 16.38
CA GLN B 35 -4.87 -11.99 16.89
C GLN B 35 -4.70 -10.71 17.69
N GLU B 36 -4.44 -10.93 18.98
CA GLU B 36 -3.99 -9.96 19.94
C GLU B 36 -3.22 -8.81 19.29
N ALA B 37 -3.65 -7.58 19.57
CA ALA B 37 -2.93 -6.41 19.12
C ALA B 37 -3.12 -5.33 20.16
N GLU B 38 -2.06 -4.56 20.38
CA GLU B 38 -2.07 -3.44 21.32
C GLU B 38 -3.22 -2.48 21.01
N PHE B 39 -3.90 -1.98 22.04
CA PHE B 39 -5.10 -1.13 21.89
C PHE B 39 -4.72 0.34 21.87
N ASP B 40 -5.08 1.06 20.80
CA ASP B 40 -4.74 2.48 20.70
C ASP B 40 -5.95 3.34 20.26
N PRO B 41 -6.68 3.90 21.23
CA PRO B 41 -7.91 4.64 20.91
C PRO B 41 -7.64 5.81 19.99
N GLU B 42 -6.52 6.49 20.24
CA GLU B 42 -6.13 7.63 19.44
C GLU B 42 -5.97 7.25 17.96
N PHE B 43 -5.28 6.13 17.72
CA PHE B 43 -5.10 5.65 16.36
C PHE B 43 -6.44 5.29 15.73
N LEU B 44 -7.30 4.60 16.48
CA LEU B 44 -8.62 4.25 15.99
C LEU B 44 -9.41 5.50 15.55
N VAL B 45 -9.45 6.51 16.41
CA VAL B 45 -10.19 7.72 16.11
C VAL B 45 -9.60 8.45 14.90
N SER B 46 -8.29 8.51 14.78
CA SER B 46 -7.66 9.02 13.56
C SER B 46 -8.07 8.27 12.30
N MET B 47 -7.99 6.93 12.33
CA MET B 47 -8.41 6.08 11.23
C MET B 47 -9.79 6.43 10.70
N LEU B 48 -10.70 6.76 11.62
CA LEU B 48 -12.07 7.13 11.23
C LEU B 48 -12.08 8.17 10.13
N GLU B 49 -11.04 9.01 10.08
CA GLU B 49 -10.93 10.09 9.09
C GLU B 49 -10.28 9.66 7.79
N ARG B 50 -9.96 8.38 7.67
CA ARG B 50 -9.38 7.85 6.45
C ARG B 50 -10.23 6.70 5.94
N ILE B 51 -11.31 6.40 6.66
CA ILE B 51 -12.17 5.28 6.32
C ILE B 51 -13.41 5.72 5.52
N ASP B 52 -13.77 4.92 4.51
CA ASP B 52 -15.06 5.07 3.81
C ASP B 52 -16.08 4.31 4.63
N TRP B 53 -16.89 5.03 5.41
CA TRP B 53 -17.73 4.37 6.41
C TRP B 53 -18.80 3.49 5.76
N ALA B 54 -19.36 3.98 4.65
CA ALA B 54 -20.33 3.21 3.88
C ALA B 54 -19.75 1.83 3.54
N ALA B 55 -18.59 1.83 2.91
CA ALA B 55 -17.93 0.59 2.50
C ALA B 55 -17.58 -0.28 3.70
N LEU B 56 -17.29 0.36 4.84
CA LEU B 56 -16.89 -0.40 6.02
C LEU B 56 -18.05 -1.25 6.50
N VAL B 57 -19.25 -0.66 6.48
CA VAL B 57 -20.43 -1.35 6.96
C VAL B 57 -20.72 -2.55 6.06
N LYS B 58 -20.77 -2.32 4.75
CA LYS B 58 -21.01 -3.38 3.77
C LYS B 58 -20.14 -4.61 4.00
N VAL B 59 -18.83 -4.41 4.11
CA VAL B 59 -17.93 -5.54 4.25
C VAL B 59 -18.19 -6.24 5.57
N ALA B 60 -18.55 -5.48 6.59
CA ALA B 60 -18.92 -6.11 7.86
C ALA B 60 -20.19 -6.95 7.68
N ASN B 61 -21.14 -6.43 6.89
CA ASN B 61 -22.36 -7.17 6.56
C ASN B 61 -22.05 -8.48 5.84
N ASP B 62 -21.31 -8.37 4.74
CA ASP B 62 -20.93 -9.52 3.93
C ASP B 62 -20.24 -10.59 4.78
N LEU B 63 -19.57 -10.17 5.86
CA LEU B 63 -18.93 -11.11 6.78
C LEU B 63 -19.85 -11.47 7.94
N GLY B 64 -21.12 -11.06 7.86
CA GLY B 64 -22.11 -11.41 8.87
C GLY B 64 -22.04 -10.63 10.17
N ASN B 65 -21.98 -9.30 10.06
CA ASN B 65 -21.89 -8.41 11.22
C ASN B 65 -22.75 -7.15 11.02
N GLU B 66 -23.73 -6.97 11.90
CA GLU B 66 -24.53 -5.74 11.93
C GLU B 66 -24.22 -4.92 13.18
N SER B 67 -23.33 -5.43 14.02
CA SER B 67 -22.89 -4.73 15.22
C SER B 67 -21.94 -3.60 14.84
N LEU B 68 -22.49 -2.53 14.29
CA LEU B 68 -21.67 -1.44 13.79
C LEU B 68 -22.54 -0.24 13.55
N PRO B 69 -22.16 0.89 14.15
CA PRO B 69 -22.88 2.17 14.06
C PRO B 69 -23.30 2.52 12.65
N ASP B 70 -24.48 3.12 12.50
CA ASP B 70 -25.00 3.44 11.17
C ASP B 70 -24.05 4.32 10.38
N VAL B 71 -23.41 5.25 11.07
CA VAL B 71 -22.52 6.20 10.43
C VAL B 71 -21.28 6.43 11.28
N LYS B 72 -20.39 7.25 10.76
CA LYS B 72 -19.10 7.47 11.39
C LYS B 72 -19.28 8.06 12.78
N PRO B 73 -18.83 7.34 13.83
CA PRO B 73 -18.81 7.90 15.20
C PRO B 73 -18.09 9.25 15.26
N GLU B 74 -18.65 10.21 15.97
CA GLU B 74 -18.05 11.51 16.12
C GLU B 74 -17.42 11.58 17.50
N ILE B 75 -16.12 11.31 17.55
CA ILE B 75 -15.41 11.27 18.80
C ILE B 75 -14.33 12.36 18.84
N ASP B 76 -14.26 13.05 19.98
CA ASP B 76 -13.24 14.06 20.19
C ASP B 76 -12.37 13.67 21.40
N GLU B 77 -12.90 12.78 22.26
CA GLU B 77 -12.18 12.36 23.45
C GLU B 77 -11.91 10.87 23.39
N PRO B 78 -10.77 10.48 22.79
CA PRO B 78 -10.43 9.06 22.59
C PRO B 78 -10.31 8.31 23.92
N PHE B 79 -9.85 9.01 24.96
CA PHE B 79 -9.70 8.42 26.27
C PHE B 79 -10.93 8.56 27.15
N ALA B 80 -11.99 9.18 26.63
CA ALA B 80 -13.20 9.33 27.43
C ALA B 80 -13.78 7.96 27.74
N GLU B 81 -14.25 7.79 28.98
CA GLU B 81 -14.88 6.55 29.41
C GLU B 81 -16.07 6.18 28.54
N GLY B 82 -16.78 7.20 28.08
CA GLY B 82 -17.99 7.00 27.30
C GLY B 82 -17.77 6.35 25.94
N ASN B 83 -16.57 6.46 25.40
CA ASN B 83 -16.32 5.88 24.08
C ASN B 83 -15.53 4.57 24.12
N GLN B 84 -15.16 4.13 25.32
CA GLN B 84 -14.31 2.97 25.46
C GLN B 84 -14.97 1.68 24.98
N GLY B 85 -16.27 1.55 25.24
CA GLY B 85 -17.00 0.38 24.79
C GLY B 85 -17.01 0.27 23.28
N LEU B 86 -17.37 1.37 22.62
CA LEU B 86 -17.44 1.42 21.16
C LEU B 86 -16.03 1.34 20.56
N LEU B 87 -15.03 1.88 21.24
CA LEU B 87 -13.69 1.85 20.68
C LEU B 87 -13.10 0.45 20.77
N GLN B 88 -13.21 -0.16 21.95
CA GLN B 88 -12.79 -1.55 22.15
C GLN B 88 -13.44 -2.46 21.12
N GLU B 89 -14.71 -2.21 20.84
CA GLU B 89 -15.39 -3.09 19.92
C GLU B 89 -14.90 -2.82 18.50
N LEU B 90 -14.45 -1.59 18.21
CA LEU B 90 -13.89 -1.28 16.90
C LEU B 90 -12.49 -1.88 16.76
N HIS B 91 -11.70 -1.83 17.82
CA HIS B 91 -10.39 -2.48 17.82
C HIS B 91 -10.55 -3.98 17.54
N SER B 92 -11.54 -4.57 18.20
CA SER B 92 -11.82 -5.99 18.07
C SER B 92 -12.09 -6.36 16.61
N LEU B 93 -12.97 -5.60 15.96
CA LEU B 93 -13.31 -5.88 14.58
C LEU B 93 -12.18 -5.48 13.62
N LEU B 94 -11.81 -4.21 13.63
CA LEU B 94 -10.94 -3.67 12.58
C LEU B 94 -9.51 -4.21 12.66
N ILE B 95 -8.98 -4.32 13.87
CA ILE B 95 -7.58 -4.68 13.95
C ILE B 95 -7.40 -6.18 14.25
N GLU B 96 -8.26 -6.73 15.10
CA GLU B 96 -7.96 -8.06 15.63
C GLU B 96 -8.54 -9.24 14.87
N THR B 97 -9.60 -9.04 14.09
CA THR B 97 -10.13 -10.15 13.31
C THR B 97 -9.51 -10.25 11.92
N CYS B 98 -8.79 -11.34 11.66
CA CYS B 98 -8.09 -11.51 10.38
C CYS B 98 -8.73 -12.59 9.55
N ILE B 99 -8.87 -12.35 8.25
CA ILE B 99 -9.28 -13.41 7.34
C ILE B 99 -8.05 -14.19 6.92
N VAL B 100 -8.14 -15.51 6.98
CA VAL B 100 -7.03 -16.38 6.60
C VAL B 100 -7.34 -17.00 5.26
N GLU B 101 -8.58 -17.42 5.11
CA GLU B 101 -9.06 -17.98 3.85
C GLU B 101 -10.40 -17.36 3.49
N GLY B 102 -10.52 -16.84 2.29
CA GLY B 102 -11.78 -16.25 1.89
C GLY B 102 -11.66 -15.73 0.50
N THR B 103 -12.75 -15.15 0.01
CA THR B 103 -12.80 -14.61 -1.34
C THR B 103 -13.19 -13.14 -1.34
N MET B 104 -13.00 -12.49 -2.48
CA MET B 104 -13.30 -11.06 -2.62
C MET B 104 -13.91 -10.85 -3.99
N LYS B 105 -15.22 -10.81 -4.07
CA LYS B 105 -15.86 -10.73 -5.37
C LYS B 105 -16.11 -9.29 -5.78
N CYS B 106 -15.71 -8.95 -7.00
CA CYS B 106 -16.11 -7.70 -7.60
C CYS B 106 -17.43 -7.86 -8.33
N GLU B 107 -18.38 -6.96 -8.07
CA GLU B 107 -19.73 -7.08 -8.62
C GLU B 107 -19.89 -6.33 -9.94
N ASN B 108 -18.79 -5.94 -10.59
CA ASN B 108 -18.89 -5.23 -11.87
C ASN B 108 -18.24 -6.01 -13.02
N CYS B 109 -17.13 -6.67 -12.74
CA CYS B 109 -16.46 -7.48 -13.75
C CYS B 109 -16.86 -8.94 -13.58
N GLY B 110 -17.19 -9.33 -12.36
CA GLY B 110 -17.63 -10.69 -12.06
C GLY B 110 -16.58 -11.52 -11.35
N HIS B 111 -15.31 -11.16 -11.56
CA HIS B 111 -14.17 -11.92 -11.06
C HIS B 111 -14.17 -12.13 -9.54
N THR B 112 -13.58 -13.24 -9.11
CA THR B 112 -13.43 -13.54 -7.69
C THR B 112 -11.98 -13.83 -7.29
N TYR B 113 -11.39 -12.92 -6.51
CA TYR B 113 -10.01 -13.08 -6.04
C TYR B 113 -9.98 -13.87 -4.74
N PHE B 114 -8.80 -14.37 -4.38
CA PHE B 114 -8.70 -15.21 -3.20
C PHE B 114 -7.78 -14.65 -2.13
N ILE B 115 -8.17 -14.88 -0.88
CA ILE B 115 -7.33 -14.65 0.27
C ILE B 115 -6.89 -16.01 0.81
N LYS B 116 -5.59 -16.27 0.77
CA LYS B 116 -5.07 -17.53 1.30
C LYS B 116 -3.84 -17.33 2.19
N ASN B 117 -3.97 -17.79 3.43
CA ASN B 117 -2.95 -17.70 4.50
C ASN B 117 -1.88 -16.61 4.38
N SER B 118 -2.23 -15.38 4.70
CA SER B 118 -3.61 -14.89 4.81
C SER B 118 -3.69 -13.72 3.82
N ILE B 119 -2.93 -13.88 2.73
CA ILE B 119 -2.63 -12.82 1.76
C ILE B 119 -3.74 -12.69 0.73
N PRO B 120 -4.25 -11.47 0.54
CA PRO B 120 -5.14 -11.25 -0.61
C PRO B 120 -4.30 -11.20 -1.88
N ASN B 121 -4.80 -11.76 -2.97
CA ASN B 121 -4.11 -11.75 -4.24
C ASN B 121 -4.97 -11.03 -5.28
N PHE B 122 -4.40 -10.08 -6.00
CA PHE B 122 -5.20 -9.28 -6.93
C PHE B 122 -4.72 -9.41 -8.37
N LEU B 123 -4.32 -10.62 -8.75
CA LEU B 123 -3.86 -10.85 -10.11
C LEU B 123 -4.92 -11.52 -10.99
N LEU B 124 -4.96 -11.18 -12.28
CA LEU B 124 -5.87 -11.80 -13.25
C LEU B 124 -5.80 -13.32 -13.21
ZN ZN C . -13.99 -5.59 -11.21
#